data_1VHX
#
_entry.id   1VHX
#
_cell.length_a   48.159
_cell.length_b   55.353
_cell.length_c   91.158
_cell.angle_alpha   90.00
_cell.angle_beta   90.00
_cell.angle_gamma   90.00
#
_symmetry.space_group_name_H-M   'P 21 21 21'
#
loop_
_entity.id
_entity.type
_entity.pdbx_description
1 polymer 'Putative Holliday junction resolvase'
2 water water
#
_entity_poly.entity_id   1
_entity_poly.type   'polypeptide(L)'
_entity_poly.pdbx_seq_one_letter_code
;(MSE)SLRILGLDLGTKTLGVALSDE(MSE)GWTAQGIETIKINEAEGDYGLSRLSELIKDYTIDKIVLGFPKN(MSE)N
GTVGPRGEASQTFAKVLETTYNVPVVLWDERLTT(MSE)AAEK(MSE)LIAADVSRQKRKKVIDK(MSE)AAV(MSE)IL
QGYLDSLNEGGSHHHHHH
;
_entity_poly.pdbx_strand_id   A,B
#
# COMPACT_ATOMS: atom_id res chain seq x y z
N SER A 2 2.40 1.41 27.07
CA SER A 2 1.54 2.42 26.45
C SER A 2 0.36 1.69 25.78
N LEU A 3 -0.59 2.42 25.24
CA LEU A 3 -1.71 1.80 24.55
C LEU A 3 -1.24 1.44 23.13
N ARG A 4 -1.67 0.31 22.66
CA ARG A 4 -1.31 -0.15 21.32
C ARG A 4 -2.56 -0.67 20.64
N ILE A 5 -2.48 -0.60 19.30
CA ILE A 5 -3.58 -1.11 18.50
C ILE A 5 -3.17 -2.48 18.00
N LEU A 6 -4.03 -3.46 18.23
CA LEU A 6 -3.75 -4.80 17.76
C LEU A 6 -4.29 -5.00 16.33
N GLY A 7 -3.49 -5.65 15.49
CA GLY A 7 -4.05 -5.95 14.10
C GLY A 7 -4.17 -7.46 14.00
N LEU A 8 -5.21 -8.03 13.42
CA LEU A 8 -5.41 -9.44 13.26
C LEU A 8 -5.88 -9.89 11.86
N ASP A 9 -5.47 -11.06 11.43
CA ASP A 9 -5.93 -11.64 10.13
C ASP A 9 -6.47 -13.04 10.42
N LEU A 10 -7.78 -13.32 10.29
CA LEU A 10 -8.31 -14.63 10.62
C LEU A 10 -8.35 -15.57 9.42
N GLY A 11 -7.71 -16.72 9.55
CA GLY A 11 -7.68 -17.74 8.48
C GLY A 11 -8.25 -19.06 8.99
N THR A 12 -8.28 -20.08 8.12
CA THR A 12 -8.83 -21.38 8.55
C THR A 12 -7.86 -22.08 9.51
N LYS A 13 -6.58 -21.93 9.20
CA LYS A 13 -5.49 -22.53 9.90
C LYS A 13 -4.52 -21.57 10.57
N THR A 14 -4.58 -20.26 10.38
CA THR A 14 -3.68 -19.35 11.07
C THR A 14 -4.40 -18.06 11.51
N LEU A 15 -3.98 -17.52 12.65
CA LEU A 15 -4.46 -16.21 13.09
C LEU A 15 -3.19 -15.32 13.08
N GLY A 16 -3.13 -14.37 12.15
CA GLY A 16 -2.00 -13.43 12.11
C GLY A 16 -2.14 -12.33 13.13
N VAL A 17 -1.05 -12.03 13.86
CA VAL A 17 -1.06 -11.01 14.89
C VAL A 17 0.03 -9.96 14.68
N ALA A 18 -0.38 -8.72 14.65
CA ALA A 18 0.45 -7.53 14.49
C ALA A 18 0.14 -6.53 15.61
N LEU A 19 1.07 -5.64 15.90
CA LEU A 19 0.90 -4.64 16.95
C LEU A 19 1.49 -3.32 16.51
N SER A 20 0.85 -2.19 16.83
CA SER A 20 1.35 -0.90 16.47
C SER A 20 2.59 -0.63 17.41
N ASP A 21 3.49 0.16 16.91
CA ASP A 21 4.69 0.53 17.66
C ASP A 21 4.22 1.54 18.68
N GLU A 22 5.08 2.02 19.56
CA GLU A 22 4.67 3.04 20.54
C GLU A 22 4.23 4.31 19.90
N GLY A 24 2.54 4.52 17.10
CA GLY A 24 1.33 4.32 16.24
C GLY A 24 1.69 4.73 14.81
N TRP A 25 2.92 4.46 14.39
CA TRP A 25 3.42 4.80 13.08
C TRP A 25 3.60 3.59 12.19
N THR A 26 4.22 2.53 12.74
CA THR A 26 4.38 1.29 12.01
C THR A 26 3.76 0.10 12.77
N ALA A 27 3.44 -0.93 11.96
CA ALA A 27 2.86 -2.16 12.42
C ALA A 27 3.99 -3.19 12.59
N GLN A 28 4.02 -3.90 13.71
CA GLN A 28 5.08 -4.90 13.86
C GLN A 28 4.49 -6.28 13.83
N GLY A 29 5.15 -7.29 13.30
CA GLY A 29 4.57 -8.64 13.33
C GLY A 29 4.91 -9.19 14.72
N ILE A 30 4.00 -9.96 15.30
CA ILE A 30 4.22 -10.55 16.62
C ILE A 30 4.35 -12.06 16.42
N GLU A 31 3.29 -12.64 15.85
CA GLU A 31 3.27 -14.10 15.66
C GLU A 31 2.10 -14.50 14.73
N THR A 32 2.23 -15.69 14.26
CA THR A 32 1.21 -16.35 13.45
C THR A 32 0.73 -17.52 14.34
N ILE A 33 -0.46 -17.31 14.88
CA ILE A 33 -0.99 -18.36 15.76
C ILE A 33 -1.57 -19.46 14.89
N LYS A 34 -1.17 -20.67 15.18
CA LYS A 34 -1.68 -21.86 14.47
C LYS A 34 -3.03 -22.15 15.16
N ILE A 35 -4.11 -22.30 14.42
CA ILE A 35 -5.45 -22.52 14.92
C ILE A 35 -6.20 -23.51 14.00
N ASN A 36 -7.48 -23.74 14.25
CA ASN A 36 -8.28 -24.57 13.34
C ASN A 36 -9.73 -24.74 13.73
N GLU A 37 -10.61 -24.22 12.85
CA GLU A 37 -12.05 -24.22 12.98
C GLU A 37 -12.66 -25.59 13.25
N ALA A 38 -12.24 -26.60 12.52
CA ALA A 38 -12.70 -27.98 12.65
C ALA A 38 -12.79 -28.49 14.08
N GLU A 39 -11.96 -28.03 14.99
CA GLU A 39 -12.00 -28.42 16.39
C GLU A 39 -12.51 -27.23 17.19
N GLY A 40 -12.75 -26.13 16.49
CA GLY A 40 -13.22 -24.90 17.13
C GLY A 40 -12.00 -24.17 17.71
N ASP A 41 -10.86 -24.28 17.03
CA ASP A 41 -9.67 -23.59 17.54
C ASP A 41 -9.51 -22.25 16.82
N TYR A 42 -9.75 -21.18 17.57
CA TYR A 42 -9.65 -19.85 17.00
C TYR A 42 -8.44 -19.08 17.48
N GLY A 43 -7.64 -19.63 18.35
CA GLY A 43 -6.43 -19.08 18.87
C GLY A 43 -6.57 -18.09 20.00
N LEU A 44 -7.72 -18.10 20.64
CA LEU A 44 -8.08 -17.19 21.72
C LEU A 44 -7.21 -17.26 22.94
N SER A 45 -6.80 -18.45 23.40
CA SER A 45 -5.96 -18.61 24.56
C SER A 45 -4.58 -18.01 24.38
N ARG A 46 -4.00 -18.23 23.19
CA ARG A 46 -2.68 -17.67 22.89
C ARG A 46 -2.75 -16.17 22.70
N LEU A 47 -3.80 -15.66 22.05
CA LEU A 47 -3.98 -14.23 21.83
C LEU A 47 -3.97 -13.51 23.17
N SER A 48 -4.79 -14.07 24.06
CA SER A 48 -4.88 -13.53 25.42
C SER A 48 -3.51 -13.50 26.05
N GLU A 49 -2.78 -14.63 26.03
CA GLU A 49 -1.44 -14.51 26.60
C GLU A 49 -0.66 -13.45 25.84
N LEU A 50 -0.60 -13.50 24.51
CA LEU A 50 0.18 -12.52 23.76
C LEU A 50 -0.06 -11.09 24.19
N ILE A 51 -1.28 -10.68 24.53
CA ILE A 51 -1.46 -9.30 24.88
C ILE A 51 -1.55 -8.95 26.33
N LYS A 52 -1.37 -9.88 27.29
CA LYS A 52 -1.51 -9.40 28.68
C LYS A 52 -0.45 -8.39 29.05
N ASP A 53 0.73 -8.34 28.45
CA ASP A 53 1.72 -7.33 28.80
C ASP A 53 1.43 -5.97 28.18
N TYR A 54 0.55 -5.92 27.18
CA TYR A 54 0.30 -4.61 26.57
C TYR A 54 -1.07 -4.09 26.99
N THR A 55 -1.30 -2.84 26.61
CA THR A 55 -2.63 -2.27 26.90
C THR A 55 -3.18 -1.85 25.53
N ILE A 56 -4.13 -2.65 25.06
CA ILE A 56 -4.76 -2.52 23.76
C ILE A 56 -6.06 -1.72 23.84
N ASP A 57 -6.20 -0.64 23.12
CA ASP A 57 -7.46 0.10 23.19
C ASP A 57 -8.29 -0.09 21.94
N LYS A 58 -7.76 -0.89 20.98
CA LYS A 58 -8.53 -1.09 19.73
C LYS A 58 -7.94 -2.27 18.93
N ILE A 59 -8.79 -2.97 18.23
CA ILE A 59 -8.44 -4.10 17.42
C ILE A 59 -8.90 -3.88 15.98
N VAL A 60 -8.00 -4.08 15.04
CA VAL A 60 -8.26 -3.96 13.63
C VAL A 60 -8.22 -5.36 13.04
N LEU A 61 -9.28 -5.72 12.33
CA LEU A 61 -9.49 -7.03 11.77
C LEU A 61 -9.75 -7.00 10.27
N GLY A 62 -8.89 -7.74 9.59
CA GLY A 62 -8.91 -7.82 8.12
C GLY A 62 -10.30 -8.36 7.75
N PHE A 63 -10.91 -7.66 6.82
CA PHE A 63 -12.29 -8.11 6.52
C PHE A 63 -12.41 -8.19 5.01
N PRO A 64 -12.77 -9.35 4.51
CA PRO A 64 -12.92 -9.57 3.09
C PRO A 64 -13.98 -8.64 2.52
N LYS A 65 -13.73 -8.17 1.30
CA LYS A 65 -14.72 -7.31 0.65
C LYS A 65 -16.01 -8.12 0.49
N ASN A 66 -17.14 -7.41 0.44
CA ASN A 66 -18.43 -8.10 0.26
C ASN A 66 -18.60 -8.18 -1.28
N ASN A 68 -20.80 -6.79 -3.39
CA ASN A 68 -21.79 -5.74 -3.56
C ASN A 68 -22.97 -5.90 -2.61
N GLY A 69 -22.69 -5.59 -1.34
CA GLY A 69 -23.67 -5.68 -0.30
C GLY A 69 -23.88 -7.03 0.36
N THR A 70 -23.41 -8.13 -0.22
CA THR A 70 -23.57 -9.46 0.32
C THR A 70 -22.36 -10.02 1.07
N VAL A 71 -22.57 -10.50 2.31
CA VAL A 71 -21.44 -11.07 3.03
C VAL A 71 -21.17 -12.53 2.69
N GLY A 72 -19.92 -12.90 2.40
CA GLY A 72 -19.63 -14.31 2.10
C GLY A 72 -19.34 -15.07 3.40
N PRO A 73 -19.09 -16.37 3.31
CA PRO A 73 -18.80 -17.21 4.45
C PRO A 73 -17.55 -16.84 5.22
N ARG A 74 -16.46 -16.42 4.56
CA ARG A 74 -15.29 -16.02 5.34
C ARG A 74 -15.55 -14.71 6.08
N GLY A 75 -16.35 -13.83 5.49
CA GLY A 75 -16.72 -12.56 6.07
C GLY A 75 -17.66 -12.76 7.26
N GLU A 76 -18.50 -13.78 7.14
CA GLU A 76 -19.47 -14.14 8.16
C GLU A 76 -18.71 -14.66 9.40
N ALA A 77 -17.70 -15.47 9.15
CA ALA A 77 -16.87 -15.95 10.27
C ALA A 77 -16.09 -14.80 10.84
N SER A 78 -15.65 -13.86 9.95
CA SER A 78 -14.89 -12.71 10.48
C SER A 78 -15.75 -11.77 11.30
N GLN A 79 -17.01 -11.59 10.87
CA GLN A 79 -17.89 -10.69 11.65
C GLN A 79 -18.20 -11.30 13.03
N THR A 80 -18.34 -12.63 13.05
CA THR A 80 -18.60 -13.34 14.30
C THR A 80 -17.36 -13.24 15.18
N PHE A 81 -16.19 -13.39 14.56
CA PHE A 81 -14.94 -13.22 15.29
C PHE A 81 -14.84 -11.78 15.79
N ALA A 82 -15.29 -10.75 15.08
CA ALA A 82 -15.21 -9.37 15.56
C ALA A 82 -16.06 -9.20 16.84
N LYS A 83 -17.21 -9.89 16.89
CA LYS A 83 -18.10 -9.82 18.03
C LYS A 83 -17.42 -10.48 19.22
N VAL A 84 -16.89 -11.66 18.97
CA VAL A 84 -16.14 -12.40 19.96
C VAL A 84 -15.05 -11.53 20.56
N LEU A 85 -14.23 -10.90 19.71
CA LEU A 85 -13.15 -10.03 20.10
C LEU A 85 -13.67 -8.89 21.00
N GLU A 86 -14.63 -8.13 20.46
CA GLU A 86 -15.23 -6.98 21.12
C GLU A 86 -15.76 -7.32 22.50
N THR A 87 -16.48 -8.43 22.62
CA THR A 87 -17.07 -8.84 23.87
C THR A 87 -16.05 -9.48 24.80
N THR A 88 -14.97 -10.06 24.29
CA THR A 88 -13.90 -10.64 25.08
C THR A 88 -13.00 -9.55 25.65
N TYR A 89 -12.55 -8.58 24.87
CA TYR A 89 -11.65 -7.54 25.31
C TYR A 89 -12.23 -6.19 25.60
N ASN A 90 -13.50 -5.95 25.39
CA ASN A 90 -14.18 -4.69 25.58
C ASN A 90 -13.46 -3.50 24.98
N VAL A 91 -13.03 -3.64 23.71
CA VAL A 91 -12.39 -2.59 22.97
C VAL A 91 -13.12 -2.51 21.62
N PRO A 92 -13.19 -1.36 21.03
CA PRO A 92 -13.84 -1.21 19.70
C PRO A 92 -13.11 -2.12 18.70
N VAL A 93 -13.78 -2.75 17.79
CA VAL A 93 -13.20 -3.64 16.80
C VAL A 93 -13.53 -3.09 15.42
N VAL A 94 -12.54 -2.78 14.61
CA VAL A 94 -12.68 -2.19 13.30
C VAL A 94 -12.44 -3.13 12.14
N LEU A 95 -13.43 -3.32 11.29
CA LEU A 95 -13.35 -4.14 10.09
C LEU A 95 -12.57 -3.32 9.09
N TRP A 96 -11.54 -3.92 8.44
CA TRP A 96 -10.72 -3.04 7.60
C TRP A 96 -10.20 -3.79 6.39
N ASP A 97 -10.06 -3.08 5.29
CA ASP A 97 -9.55 -3.76 4.08
C ASP A 97 -8.58 -2.88 3.34
N GLU A 98 -8.24 -1.69 3.79
CA GLU A 98 -7.30 -0.86 3.01
C GLU A 98 -5.85 -1.24 3.32
N ARG A 99 -5.11 -1.78 2.38
CA ARG A 99 -3.73 -2.17 2.64
C ARG A 99 -2.99 -2.33 1.30
N LEU A 100 -1.72 -2.50 1.38
CA LEU A 100 -0.94 -2.79 0.12
C LEU A 100 -1.59 -4.11 -0.34
N THR A 101 -2.14 -4.17 -1.55
CA THR A 101 -2.89 -5.38 -1.91
C THR A 101 -2.01 -6.62 -2.08
N THR A 102 -2.72 -7.74 -2.02
CA THR A 102 -2.02 -9.03 -2.24
C THR A 102 -1.46 -9.03 -3.66
N ALA A 104 -0.53 -6.34 -5.40
CA ALA A 104 0.65 -5.45 -5.50
C ALA A 104 1.89 -6.11 -4.90
N ALA A 105 1.67 -6.85 -3.81
CA ALA A 105 2.73 -7.57 -3.10
C ALA A 105 3.33 -8.63 -4.01
N GLU A 106 2.48 -9.43 -4.65
CA GLU A 106 2.91 -10.45 -5.59
C GLU A 106 3.77 -9.80 -6.70
N LYS A 107 3.24 -8.73 -7.33
CA LYS A 107 3.99 -8.06 -8.39
C LYS A 107 5.36 -7.60 -7.94
N LEU A 109 6.96 -8.61 -5.31
CA LEU A 109 7.84 -9.72 -4.91
C LEU A 109 8.52 -10.33 -6.16
N ILE A 110 7.73 -10.54 -7.21
CA ILE A 110 8.29 -11.03 -8.51
C ILE A 110 9.37 -10.07 -9.00
N ALA A 111 9.11 -8.76 -8.90
CA ALA A 111 10.13 -7.77 -9.30
C ALA A 111 11.37 -7.87 -8.44
N ALA A 112 11.29 -8.45 -7.23
CA ALA A 112 12.47 -8.61 -6.41
C ALA A 112 13.08 -9.98 -6.66
N ASP A 113 12.50 -10.77 -7.58
CA ASP A 113 13.02 -12.07 -7.93
C ASP A 113 12.77 -13.15 -6.89
N VAL A 114 11.74 -12.95 -6.03
CA VAL A 114 11.47 -13.96 -5.00
C VAL A 114 10.87 -15.20 -5.66
N SER A 115 11.33 -16.38 -5.24
CA SER A 115 10.81 -17.61 -5.83
C SER A 115 9.34 -17.79 -5.50
N ARG A 116 8.63 -18.46 -6.40
CA ARG A 116 7.22 -18.69 -6.22
C ARG A 116 6.87 -19.23 -4.85
N GLN A 117 7.57 -20.23 -4.31
CA GLN A 117 7.13 -20.70 -2.98
C GLN A 117 7.41 -19.69 -1.86
N LYS A 118 8.47 -18.91 -1.94
CA LYS A 118 8.74 -17.93 -0.86
C LYS A 118 7.67 -16.82 -0.90
N ARG A 119 7.26 -16.46 -2.14
CA ARG A 119 6.21 -15.45 -2.30
C ARG A 119 4.96 -15.87 -1.54
N LYS A 120 4.53 -17.12 -1.77
CA LYS A 120 3.31 -17.56 -1.06
C LYS A 120 3.47 -17.48 0.45
N LYS A 121 4.57 -17.98 0.99
CA LYS A 121 4.77 -17.98 2.43
C LYS A 121 4.68 -16.58 3.01
N VAL A 122 5.39 -15.62 2.41
CA VAL A 122 5.44 -14.26 2.88
C VAL A 122 4.11 -13.54 2.77
N ILE A 123 3.41 -13.71 1.65
CA ILE A 123 2.08 -13.12 1.48
C ILE A 123 1.12 -13.64 2.53
N ASP A 124 1.19 -14.93 2.87
CA ASP A 124 0.36 -15.50 3.93
C ASP A 124 0.82 -15.00 5.33
N LYS A 125 2.10 -15.01 5.58
CA LYS A 125 2.70 -14.58 6.85
C LYS A 125 2.41 -13.13 7.19
N ALA A 127 -0.19 -10.86 6.12
CA ALA A 127 -1.48 -10.24 5.98
C ALA A 127 -1.82 -9.33 7.17
N ALA A 128 -1.56 -9.76 8.40
CA ALA A 128 -1.93 -8.89 9.56
C ALA A 128 -1.11 -7.64 9.66
N VAL A 129 0.17 -7.76 9.30
CA VAL A 129 1.04 -6.55 9.30
C VAL A 129 0.51 -5.62 8.25
N ILE A 131 -2.52 -5.23 6.99
CA ILE A 131 -3.83 -4.72 7.37
C ILE A 131 -3.65 -3.59 8.41
N LEU A 132 -2.76 -3.87 9.36
CA LEU A 132 -2.52 -2.91 10.42
C LEU A 132 -1.76 -1.71 9.91
N GLN A 133 -0.75 -1.96 9.06
CA GLN A 133 -0.02 -0.79 8.52
C GLN A 133 -0.95 0.09 7.68
N GLY A 134 -1.87 -0.51 6.95
CA GLY A 134 -2.80 0.29 6.12
C GLY A 134 -3.72 1.09 7.03
N TYR A 135 -4.14 0.47 8.13
CA TYR A 135 -5.00 1.20 9.07
C TYR A 135 -4.24 2.36 9.67
N LEU A 136 -3.04 2.09 10.17
CA LEU A 136 -2.24 3.14 10.79
C LEU A 136 -1.93 4.25 9.81
N ASP A 137 -1.58 3.91 8.55
CA ASP A 137 -1.28 4.90 7.57
C ASP A 137 -2.55 5.76 7.30
N SER A 138 -3.71 5.15 7.42
CA SER A 138 -4.94 5.91 7.15
C SER A 138 -5.21 6.89 8.29
N LEU A 139 -5.01 6.46 9.50
CA LEU A 139 -5.15 7.19 10.73
C LEU A 139 -4.16 8.35 10.82
N ASN A 140 -2.96 8.18 10.33
CA ASN A 140 -1.92 9.21 10.42
C ASN A 140 -2.11 10.35 9.46
N GLU A 141 -3.02 10.20 8.53
CA GLU A 141 -3.38 11.18 7.53
C GLU A 141 -4.29 12.25 8.09
N SER B 2 -8.85 3.27 -25.60
CA SER B 2 -9.61 3.82 -24.50
C SER B 2 -8.75 4.80 -23.69
N LEU B 3 -9.42 5.79 -23.11
CA LEU B 3 -8.75 6.79 -22.29
C LEU B 3 -7.98 6.16 -21.13
N ARG B 4 -6.78 6.68 -20.95
CA ARG B 4 -5.89 6.22 -19.89
C ARG B 4 -5.42 7.37 -19.01
N ILE B 5 -4.97 7.02 -17.81
CA ILE B 5 -4.46 7.95 -16.83
C ILE B 5 -2.98 7.63 -16.66
N LEU B 6 -2.17 8.69 -16.83
CA LEU B 6 -0.74 8.55 -16.73
C LEU B 6 -0.26 8.81 -15.33
N GLY B 7 0.70 8.04 -14.85
CA GLY B 7 1.23 8.35 -13.45
C GLY B 7 2.69 8.76 -13.63
N LEU B 8 3.15 9.79 -12.97
CA LEU B 8 4.52 10.26 -13.04
C LEU B 8 5.17 10.58 -11.67
N ASP B 9 6.44 10.20 -11.61
CA ASP B 9 7.41 10.31 -10.56
C ASP B 9 8.65 11.05 -11.09
N LEU B 10 8.65 12.36 -10.83
CA LEU B 10 9.79 13.17 -11.29
C LEU B 10 10.95 13.15 -10.27
N GLY B 11 12.10 12.72 -10.75
CA GLY B 11 13.30 12.73 -9.93
C GLY B 11 14.26 13.77 -10.52
N THR B 12 15.54 13.69 -10.23
CA THR B 12 16.52 14.64 -10.72
C THR B 12 17.19 14.16 -11.99
N LYS B 13 17.25 12.82 -12.07
CA LYS B 13 17.85 12.10 -13.13
C LYS B 13 16.90 11.05 -13.70
N THR B 14 15.71 10.85 -13.10
CA THR B 14 14.77 9.89 -13.70
C THR B 14 13.34 10.43 -13.72
N LEU B 15 12.52 9.92 -14.66
CA LEU B 15 11.11 10.26 -14.68
C LEU B 15 10.38 8.90 -14.73
N GLY B 16 9.82 8.52 -13.61
CA GLY B 16 9.09 7.25 -13.49
C GLY B 16 7.73 7.34 -14.17
N VAL B 17 7.43 6.38 -15.06
CA VAL B 17 6.19 6.42 -15.82
C VAL B 17 5.29 5.20 -15.57
N ALA B 18 4.05 5.44 -15.15
CA ALA B 18 3.09 4.35 -14.97
C ALA B 18 1.86 4.61 -15.85
N LEU B 19 1.14 3.59 -16.28
CA LEU B 19 -0.08 3.88 -17.08
C LEU B 19 -1.26 3.07 -16.55
N SER B 20 -2.41 3.67 -16.37
CA SER B 20 -3.56 2.95 -15.86
C SER B 20 -3.98 1.87 -16.87
N ASP B 21 -4.74 0.91 -16.35
CA ASP B 21 -5.27 -0.14 -17.21
C ASP B 21 -6.35 0.54 -18.07
N GLU B 22 -6.76 -0.18 -19.10
CA GLU B 22 -7.82 0.27 -19.99
C GLU B 22 -9.09 0.59 -19.20
N GLY B 24 -9.35 1.72 -15.78
CA GLY B 24 -9.31 2.73 -14.75
C GLY B 24 -9.18 2.28 -13.32
N TRP B 25 -8.81 1.03 -13.07
CA TRP B 25 -8.68 0.51 -11.72
C TRP B 25 -7.26 0.29 -11.23
N THR B 26 -6.33 -0.23 -12.03
CA THR B 26 -4.99 -0.50 -11.63
C THR B 26 -3.88 0.10 -12.52
N ALA B 27 -2.80 0.51 -11.84
CA ALA B 27 -1.63 1.11 -12.43
C ALA B 27 -0.56 0.14 -12.87
N GLN B 28 0.01 0.33 -14.06
CA GLN B 28 1.07 -0.51 -14.57
C GLN B 28 2.35 0.27 -14.87
N GLY B 29 3.51 -0.30 -14.55
CA GLY B 29 4.81 0.28 -14.79
C GLY B 29 5.22 0.28 -16.24
N ILE B 30 5.76 1.37 -16.78
CA ILE B 30 6.15 1.36 -18.20
C ILE B 30 7.66 1.40 -18.33
N GLU B 31 8.24 2.49 -17.80
CA GLU B 31 9.70 2.58 -17.82
C GLU B 31 10.14 3.70 -16.90
N THR B 32 11.41 3.80 -16.64
CA THR B 32 12.04 4.82 -15.82
C THR B 32 12.91 5.62 -16.80
N ILE B 33 12.41 6.81 -17.18
CA ILE B 33 13.13 7.57 -18.19
C ILE B 33 14.33 8.27 -17.61
N LYS B 34 15.50 8.03 -18.21
CA LYS B 34 16.69 8.69 -17.73
C LYS B 34 16.65 10.12 -18.29
N ILE B 35 16.67 11.09 -17.42
CA ILE B 35 16.61 12.49 -17.85
C ILE B 35 17.74 13.27 -17.20
N ASN B 36 17.64 14.59 -17.33
CA ASN B 36 18.68 15.43 -16.70
C ASN B 36 18.11 16.79 -16.46
N GLU B 37 17.53 16.94 -15.28
CA GLU B 37 16.91 18.24 -14.95
C GLU B 37 17.93 19.36 -14.97
N ALA B 38 19.19 19.16 -14.61
CA ALA B 38 20.17 20.27 -14.68
C ALA B 38 20.37 20.76 -16.11
N GLU B 39 20.02 19.99 -17.13
CA GLU B 39 20.13 20.40 -18.51
C GLU B 39 18.80 20.78 -19.09
N GLY B 40 17.77 20.78 -18.24
CA GLY B 40 16.41 21.09 -18.77
C GLY B 40 15.88 19.91 -19.57
N ASP B 41 16.38 18.70 -19.30
CA ASP B 41 15.91 17.49 -19.93
C ASP B 41 14.98 16.77 -18.93
N TYR B 42 13.69 16.99 -19.10
CA TYR B 42 12.69 16.35 -18.24
C TYR B 42 12.14 15.13 -18.92
N GLY B 43 12.72 14.71 -20.02
CA GLY B 43 12.30 13.55 -20.77
C GLY B 43 10.99 13.76 -21.54
N LEU B 44 10.61 15.00 -21.75
CA LEU B 44 9.34 15.29 -22.43
C LEU B 44 9.24 14.54 -23.74
N SER B 45 10.32 14.60 -24.50
CA SER B 45 10.38 13.94 -25.79
C SER B 45 10.05 12.47 -25.70
N ARG B 46 10.86 11.77 -24.88
CA ARG B 46 10.72 10.34 -24.69
C ARG B 46 9.30 10.05 -24.18
N LEU B 47 8.87 10.91 -23.25
CA LEU B 47 7.52 10.78 -22.71
C LEU B 47 6.57 10.76 -23.91
N SER B 48 6.41 11.92 -24.55
CA SER B 48 5.55 12.07 -25.72
C SER B 48 5.59 10.88 -26.67
N GLU B 49 6.75 10.34 -26.97
CA GLU B 49 6.92 9.18 -27.83
C GLU B 49 6.25 7.94 -27.22
N LEU B 50 6.41 7.77 -25.90
CA LEU B 50 5.83 6.66 -25.18
C LEU B 50 4.30 6.73 -25.15
N ILE B 51 3.74 7.93 -25.14
CA ILE B 51 2.28 8.05 -25.07
C ILE B 51 1.60 8.50 -26.36
N LYS B 52 2.21 8.23 -27.53
CA LYS B 52 1.54 8.65 -28.77
C LYS B 52 0.51 7.63 -29.25
N ASP B 53 0.61 6.37 -28.84
CA ASP B 53 -0.34 5.34 -29.22
C ASP B 53 -1.57 5.38 -28.30
N TYR B 54 -1.36 5.86 -27.07
CA TYR B 54 -2.45 5.95 -26.11
C TYR B 54 -3.11 7.31 -26.29
N THR B 55 -4.22 7.51 -25.63
CA THR B 55 -4.95 8.75 -25.56
C THR B 55 -5.18 9.01 -24.05
N ILE B 56 -4.35 9.88 -23.52
CA ILE B 56 -4.40 10.20 -22.07
C ILE B 56 -5.33 11.34 -21.78
N ASP B 57 -6.09 11.28 -20.68
CA ASP B 57 -7.00 12.35 -20.33
C ASP B 57 -6.70 12.90 -18.93
N LYS B 58 -5.63 12.42 -18.30
CA LYS B 58 -5.28 12.92 -16.96
C LYS B 58 -3.91 12.38 -16.59
N ILE B 59 -3.14 13.18 -15.88
CA ILE B 59 -1.83 12.84 -15.43
C ILE B 59 -1.79 13.01 -13.91
N VAL B 60 -1.18 12.01 -13.26
CA VAL B 60 -1.04 12.01 -11.82
C VAL B 60 0.45 12.12 -11.50
N LEU B 61 0.84 13.24 -10.92
CA LEU B 61 2.22 13.52 -10.64
C LEU B 61 2.55 13.59 -9.15
N GLY B 62 3.49 12.75 -8.74
CA GLY B 62 3.89 12.69 -7.33
C GLY B 62 4.31 14.07 -6.81
N PHE B 63 3.75 14.42 -5.64
CA PHE B 63 4.10 15.73 -5.08
C PHE B 63 4.47 15.57 -3.60
N PRO B 64 5.53 16.23 -3.15
CA PRO B 64 5.95 16.14 -1.76
C PRO B 64 5.01 16.86 -0.83
N LYS B 65 4.61 16.26 0.28
CA LYS B 65 3.74 16.98 1.21
C LYS B 65 4.47 18.26 1.63
N ASN B 66 3.67 19.26 2.03
CA ASN B 66 4.26 20.54 2.43
C ASN B 66 4.42 20.54 3.94
N ASN B 68 3.67 22.48 6.83
CA ASN B 68 2.96 23.70 7.24
C ASN B 68 2.96 24.72 6.12
N GLY B 69 2.49 24.27 4.94
CA GLY B 69 2.39 25.08 3.77
C GLY B 69 3.70 25.45 3.12
N THR B 70 4.78 24.72 3.46
CA THR B 70 6.06 25.07 2.80
C THR B 70 6.65 23.83 2.18
N VAL B 71 7.17 23.98 0.96
CA VAL B 71 7.73 22.81 0.27
C VAL B 71 9.15 23.07 -0.19
N GLY B 72 9.93 22.00 -0.30
CA GLY B 72 11.34 22.11 -0.67
C GLY B 72 11.55 22.26 -2.16
N PRO B 73 12.81 22.19 -2.58
CA PRO B 73 13.19 22.26 -3.96
C PRO B 73 12.46 21.23 -4.80
N ARG B 74 12.23 20.04 -4.28
CA ARG B 74 11.52 19.05 -5.10
C ARG B 74 10.10 19.48 -5.42
N GLY B 75 9.41 19.99 -4.38
CA GLY B 75 8.03 20.47 -4.55
C GLY B 75 8.00 21.59 -5.58
N GLU B 76 8.95 22.53 -5.49
CA GLU B 76 8.95 23.59 -6.51
C GLU B 76 9.09 22.95 -7.89
N ALA B 77 9.97 21.98 -8.06
CA ALA B 77 10.14 21.33 -9.34
C ALA B 77 8.89 20.59 -9.82
N SER B 78 8.16 19.91 -8.94
CA SER B 78 6.97 19.20 -9.35
C SER B 78 5.80 20.13 -9.62
N GLN B 79 5.64 21.14 -8.76
CA GLN B 79 4.53 22.07 -8.92
C GLN B 79 4.60 22.70 -10.31
N THR B 80 5.83 23.09 -10.64
CA THR B 80 6.05 23.72 -11.93
C THR B 80 5.85 22.71 -13.04
N PHE B 81 6.38 21.51 -12.81
CA PHE B 81 6.30 20.46 -13.82
C PHE B 81 4.86 20.20 -14.16
N ALA B 82 3.93 20.27 -13.19
CA ALA B 82 2.54 20.07 -13.41
C ALA B 82 1.95 21.08 -14.41
N LYS B 83 2.38 22.33 -14.33
CA LYS B 83 1.93 23.41 -15.21
C LYS B 83 2.40 23.19 -16.64
N VAL B 84 3.65 22.76 -16.77
CA VAL B 84 4.19 22.44 -18.07
C VAL B 84 3.41 21.30 -18.72
N LEU B 85 3.28 20.17 -18.01
CA LEU B 85 2.54 19.03 -18.55
C LEU B 85 1.12 19.41 -18.95
N GLU B 86 0.38 20.12 -18.10
CA GLU B 86 -0.97 20.51 -18.30
C GLU B 86 -1.15 21.41 -19.50
N THR B 87 -0.30 22.41 -19.59
CA THR B 87 -0.33 23.35 -20.71
C THR B 87 0.34 22.75 -21.95
N THR B 88 1.24 21.79 -21.79
CA THR B 88 1.85 21.16 -22.96
C THR B 88 0.88 20.15 -23.59
N TYR B 89 0.18 19.38 -22.72
CA TYR B 89 -0.67 18.35 -23.28
C TYR B 89 -2.15 18.62 -23.21
N ASN B 90 -2.53 19.72 -22.62
CA ASN B 90 -3.91 20.11 -22.47
C ASN B 90 -4.70 19.00 -21.76
N VAL B 91 -4.08 18.44 -20.74
CA VAL B 91 -4.71 17.41 -19.92
C VAL B 91 -4.50 17.86 -18.47
N PRO B 92 -5.52 17.72 -17.64
CA PRO B 92 -5.45 18.10 -16.22
C PRO B 92 -4.36 17.33 -15.46
N VAL B 93 -3.55 17.94 -14.62
CA VAL B 93 -2.48 17.28 -13.91
C VAL B 93 -2.77 17.29 -12.40
N VAL B 94 -2.92 16.10 -11.81
CA VAL B 94 -3.15 16.01 -10.36
C VAL B 94 -1.85 15.96 -9.58
N LEU B 95 -1.73 16.78 -8.57
CA LEU B 95 -0.56 16.80 -7.70
C LEU B 95 -0.87 15.87 -6.52
N TRP B 96 -0.14 14.75 -6.53
CA TRP B 96 -0.45 13.75 -5.48
C TRP B 96 0.53 13.78 -4.33
N ASP B 97 0.07 14.24 -3.16
CA ASP B 97 0.96 14.28 -2.01
C ASP B 97 0.61 13.31 -0.89
N GLU B 98 -0.28 12.38 -1.13
CA GLU B 98 -0.65 11.38 -0.13
C GLU B 98 0.48 10.39 0.08
N ARG B 99 0.70 9.90 1.31
CA ARG B 99 1.79 8.96 1.50
C ARG B 99 1.50 7.71 0.65
N LEU B 100 2.59 7.11 0.22
CA LEU B 100 2.52 5.88 -0.59
C LEU B 100 2.62 4.67 0.32
N THR B 101 2.60 3.48 -0.22
CA THR B 101 2.77 2.26 0.59
C THR B 101 4.22 1.87 0.74
N THR B 102 5.10 2.87 0.75
CA THR B 102 6.56 2.72 0.87
C THR B 102 6.97 1.83 2.01
N ALA B 104 4.99 -0.18 3.84
CA ALA B 104 4.40 -1.52 3.75
C ALA B 104 5.26 -2.37 2.76
N ALA B 105 5.61 -1.81 1.63
CA ALA B 105 6.44 -2.54 0.65
C ALA B 105 7.76 -2.95 1.33
N GLU B 106 8.42 -1.98 1.97
CA GLU B 106 9.65 -2.31 2.67
C GLU B 106 9.51 -3.53 3.57
N LYS B 107 8.50 -3.57 4.41
CA LYS B 107 8.24 -4.69 5.32
C LYS B 107 8.02 -5.99 4.61
N LEU B 109 9.04 -6.85 1.54
CA LEU B 109 10.33 -7.22 0.93
C LEU B 109 11.31 -7.74 1.99
N ILE B 110 11.38 -7.08 3.17
CA ILE B 110 12.24 -7.59 4.25
C ILE B 110 11.78 -8.96 4.71
N ALA B 111 10.50 -9.27 4.72
CA ALA B 111 10.01 -10.60 5.09
C ALA B 111 10.38 -11.65 4.07
N ALA B 112 10.56 -11.22 2.80
CA ALA B 112 10.91 -12.13 1.74
C ALA B 112 12.42 -12.28 1.58
N ASP B 113 13.20 -11.84 2.51
CA ASP B 113 14.62 -11.89 2.59
C ASP B 113 15.34 -11.09 1.51
N VAL B 114 14.66 -10.10 0.93
CA VAL B 114 15.30 -9.32 -0.14
C VAL B 114 16.35 -8.45 0.46
N SER B 115 17.55 -8.36 -0.15
CA SER B 115 18.64 -7.53 0.32
C SER B 115 18.37 -6.04 0.30
N ARG B 116 19.12 -5.24 1.06
CA ARG B 116 18.96 -3.83 1.11
C ARG B 116 19.09 -3.17 -0.25
N GLN B 117 20.07 -3.61 -1.05
CA GLN B 117 20.26 -2.98 -2.36
C GLN B 117 19.10 -3.29 -3.28
N LYS B 118 18.62 -4.52 -3.26
CA LYS B 118 17.50 -4.84 -4.13
C LYS B 118 16.22 -4.16 -3.65
N ARG B 119 16.01 -4.08 -2.30
CA ARG B 119 14.77 -3.41 -1.86
C ARG B 119 14.73 -1.99 -2.37
N LYS B 120 15.83 -1.26 -2.16
CA LYS B 120 15.95 0.11 -2.64
C LYS B 120 15.58 0.22 -4.11
N LYS B 121 16.15 -0.66 -4.94
CA LYS B 121 15.86 -0.63 -6.37
C LYS B 121 14.42 -0.88 -6.71
N VAL B 122 13.85 -1.92 -6.14
CA VAL B 122 12.46 -2.21 -6.39
C VAL B 122 11.55 -1.07 -5.95
N ILE B 123 11.74 -0.50 -4.76
CA ILE B 123 10.89 0.56 -4.26
C ILE B 123 11.03 1.83 -5.10
N ASP B 124 12.25 2.12 -5.53
CA ASP B 124 12.44 3.29 -6.42
C ASP B 124 11.68 2.96 -7.73
N LYS B 125 11.88 1.76 -8.22
CA LYS B 125 11.19 1.36 -9.44
C LYS B 125 9.68 1.52 -9.39
N ALA B 127 7.73 3.74 -7.62
CA ALA B 127 7.10 4.98 -7.19
C ALA B 127 5.93 5.40 -8.08
N ALA B 128 6.16 5.45 -9.37
CA ALA B 128 5.11 5.87 -10.33
C ALA B 128 3.85 5.04 -10.18
N VAL B 129 4.04 3.71 -10.06
CA VAL B 129 2.87 2.85 -9.86
C VAL B 129 2.16 3.12 -8.55
N ILE B 131 1.95 5.93 -6.83
CA ILE B 131 1.34 7.24 -6.94
C ILE B 131 0.04 7.11 -7.72
N LEU B 132 0.11 6.50 -8.89
CA LEU B 132 -1.06 6.31 -9.76
C LEU B 132 -2.08 5.45 -9.01
N GLN B 133 -1.61 4.39 -8.34
CA GLN B 133 -2.53 3.55 -7.60
C GLN B 133 -3.24 4.30 -6.47
N GLY B 134 -2.47 5.17 -5.81
CA GLY B 134 -3.01 5.97 -4.73
C GLY B 134 -4.22 6.72 -5.26
N TYR B 135 -4.02 7.38 -6.40
CA TYR B 135 -5.06 8.14 -7.06
C TYR B 135 -6.23 7.32 -7.54
N LEU B 136 -6.00 6.29 -8.34
CA LEU B 136 -7.09 5.47 -8.84
C LEU B 136 -8.03 5.02 -7.72
N ASP B 137 -7.52 4.65 -6.58
CA ASP B 137 -8.28 4.21 -5.42
C ASP B 137 -9.06 5.36 -4.80
N SER B 138 -8.77 6.60 -5.12
CA SER B 138 -9.43 7.77 -4.61
C SER B 138 -10.75 8.05 -5.37
N LEU B 139 -10.77 7.65 -6.61
CA LEU B 139 -11.88 7.81 -7.53
C LEU B 139 -13.07 6.95 -7.18
#